data_1TPW
#
_entry.id   1TPW
#
_cell.length_a   136.200
_cell.length_b   74.300
_cell.length_c   53.500
_cell.angle_alpha   90.00
_cell.angle_beta   90.00
_cell.angle_gamma   90.00
#
_symmetry.space_group_name_H-M   'P 21 21 21'
#
loop_
_entity.id
_entity.type
_entity.pdbx_description
1 polymer 'TRIOSEPHOSPHATE ISOMERASE'
2 non-polymer 'PHOSPHOGLYCOLOHYDROXAMIC ACID'
3 water water
#
_entity_poly.entity_id   1
_entity_poly.type   'polypeptide(L)'
_entity_poly.pdbx_seq_one_letter_code
;APRKFFVGGNWKMNGDKKSLGELIHTLNGAKLSADTEVVCGAPSIYLDFARQKLDAKIGVAAQNCYKVPKGAFTGEISPA
MIKDIGAAWVILGHPERRHVFGESDELIGQKVAHALAEGLGVIACIGEKLDEREAGITEKVVFEQTKAIADNVKDWSKVV
LAYEPVWAIGTGKTATPQQAQEVHEKLRGWLKTHVSDAVAQSTRIIYGGSVTGGNCKELASQHDVDGFLVGGASLKPEFV
DIINAKH
;
_entity_poly.pdbx_strand_id   A,B
#
loop_
_chem_comp.id
_chem_comp.type
_chem_comp.name
_chem_comp.formula
PGH non-polymer 'PHOSPHOGLYCOLOHYDROXAMIC ACID' 'C2 H6 N O6 P'
#
# COMPACT_ATOMS: atom_id res chain seq x y z
N ARG A 3 10.85 -25.18 -19.08
CA ARG A 3 9.91 -24.27 -18.44
C ARG A 3 9.60 -24.81 -17.06
N LYS A 4 9.99 -24.05 -16.03
CA LYS A 4 9.87 -24.50 -14.66
C LYS A 4 8.50 -24.20 -14.08
N PHE A 5 7.87 -25.21 -13.49
CA PHE A 5 6.55 -25.05 -12.91
C PHE A 5 6.67 -24.01 -11.77
N PHE A 6 5.72 -23.12 -11.66
CA PHE A 6 5.80 -21.98 -10.79
C PHE A 6 4.57 -21.88 -9.94
N VAL A 7 4.72 -22.02 -8.64
CA VAL A 7 3.56 -21.84 -7.77
C VAL A 7 3.74 -20.57 -6.94
N GLY A 8 2.85 -19.59 -7.10
CA GLY A 8 2.90 -18.40 -6.28
C GLY A 8 1.80 -18.51 -5.24
N GLY A 9 2.07 -18.03 -4.02
CA GLY A 9 1.07 -18.00 -2.96
C GLY A 9 0.67 -16.55 -2.70
N ASN A 10 -0.55 -16.05 -2.97
CA ASN A 10 -0.89 -14.66 -2.77
C ASN A 10 -1.68 -14.52 -1.50
N TRP A 11 -1.03 -14.19 -0.36
CA TRP A 11 -1.75 -14.07 0.90
C TRP A 11 -2.72 -12.93 0.97
N LYS A 12 -2.75 -12.01 -0.01
CA LYS A 12 -3.70 -10.89 0.00
C LYS A 12 -3.63 -10.15 1.34
N MET A 13 -4.74 -9.59 1.87
CA MET A 13 -4.66 -8.85 3.12
C MET A 13 -5.10 -9.77 4.21
N ASN A 14 -4.21 -10.71 4.57
CA ASN A 14 -4.48 -11.62 5.66
C ASN A 14 -3.21 -11.90 6.40
N GLY A 15 -3.36 -12.25 7.68
CA GLY A 15 -2.22 -12.67 8.45
C GLY A 15 -1.80 -11.63 9.50
N ASP A 16 -0.99 -12.14 10.40
CA ASP A 16 -0.33 -11.34 11.43
C ASP A 16 0.91 -12.14 11.71
N LYS A 17 1.79 -11.69 12.60
CA LYS A 17 3.06 -12.33 12.78
C LYS A 17 2.95 -13.71 13.36
N LYS A 18 1.94 -13.96 14.22
CA LYS A 18 1.80 -15.31 14.81
C LYS A 18 1.33 -16.34 13.77
N SER A 19 0.25 -16.03 13.04
CA SER A 19 -0.27 -16.97 12.03
C SER A 19 0.62 -17.06 10.81
N LEU A 20 1.26 -16.01 10.26
CA LEU A 20 2.16 -16.20 9.14
C LEU A 20 3.39 -16.91 9.61
N GLY A 21 3.68 -16.79 10.93
CA GLY A 21 4.79 -17.46 11.55
C GLY A 21 4.46 -18.95 11.54
N GLU A 22 3.22 -19.38 11.87
CA GLU A 22 2.84 -20.81 11.82
C GLU A 22 2.97 -21.35 10.42
N LEU A 23 2.38 -20.61 9.48
CA LEU A 23 2.40 -20.98 8.08
C LEU A 23 3.80 -21.14 7.55
N ILE A 24 4.72 -20.16 7.69
CA ILE A 24 6.07 -20.17 7.16
C ILE A 24 6.88 -21.36 7.69
N HIS A 25 6.67 -21.71 8.95
CA HIS A 25 7.33 -22.83 9.63
C HIS A 25 6.98 -24.17 8.95
N THR A 26 5.70 -24.32 8.50
CA THR A 26 5.24 -25.48 7.71
C THR A 26 5.93 -25.51 6.36
N LEU A 27 5.96 -24.39 5.61
CA LEU A 27 6.62 -24.39 4.31
C LEU A 27 8.09 -24.76 4.40
N ASN A 28 8.79 -24.20 5.41
CA ASN A 28 10.21 -24.49 5.60
C ASN A 28 10.45 -25.96 5.96
N GLY A 29 9.45 -26.59 6.63
CA GLY A 29 9.49 -28.00 6.98
C GLY A 29 9.01 -29.00 5.93
N ALA A 30 8.23 -28.54 4.94
CA ALA A 30 7.60 -29.40 3.95
C ALA A 30 8.54 -30.01 2.94
N LYS A 31 8.18 -31.17 2.36
CA LYS A 31 9.01 -31.72 1.31
C LYS A 31 8.33 -31.10 0.09
N LEU A 32 9.04 -30.11 -0.47
CA LEU A 32 8.55 -29.40 -1.63
C LEU A 32 9.31 -29.91 -2.83
N SER A 33 8.61 -29.98 -3.95
CA SER A 33 9.21 -30.45 -5.17
C SER A 33 10.46 -29.68 -5.56
N ALA A 34 11.38 -30.39 -6.18
CA ALA A 34 12.63 -29.83 -6.69
C ALA A 34 12.42 -29.06 -7.98
N ASP A 35 11.34 -29.43 -8.67
CA ASP A 35 11.02 -28.80 -9.92
C ASP A 35 10.05 -27.62 -9.85
N THR A 36 9.70 -27.13 -8.66
CA THR A 36 8.83 -25.98 -8.62
C THR A 36 9.59 -24.78 -8.05
N GLU A 37 9.33 -23.61 -8.63
CA GLU A 37 9.78 -22.32 -8.13
C GLU A 37 8.65 -21.80 -7.25
N VAL A 38 8.83 -21.57 -5.95
CA VAL A 38 7.72 -21.05 -5.15
C VAL A 38 7.99 -19.64 -4.69
N VAL A 39 6.93 -18.81 -4.67
CA VAL A 39 7.03 -17.48 -4.10
C VAL A 39 5.86 -17.24 -3.16
N CYS A 40 5.98 -16.37 -2.15
CA CYS A 40 4.85 -16.08 -1.29
C CYS A 40 4.68 -14.57 -1.41
N GLY A 41 3.44 -14.07 -1.44
CA GLY A 41 3.11 -12.68 -1.70
C GLY A 41 2.47 -12.18 -0.45
N ALA A 42 3.35 -11.55 0.35
CA ALA A 42 3.06 -11.20 1.71
C ALA A 42 2.58 -9.77 1.75
N PRO A 43 1.74 -9.39 2.73
CA PRO A 43 1.35 -7.99 3.00
C PRO A 43 2.59 -7.10 3.02
N SER A 44 2.58 -5.85 2.52
CA SER A 44 3.75 -4.96 2.58
C SER A 44 4.30 -4.88 3.98
N ILE A 45 3.42 -4.83 4.96
CA ILE A 45 3.86 -4.68 6.33
C ILE A 45 4.59 -5.89 6.83
N TYR A 46 4.36 -7.10 6.27
CA TYR A 46 5.16 -8.25 6.72
C TYR A 46 6.21 -8.75 5.75
N LEU A 47 6.61 -8.00 4.70
CA LEU A 47 7.58 -8.53 3.74
C LEU A 47 8.97 -8.78 4.31
N ASP A 48 9.45 -7.86 5.15
CA ASP A 48 10.77 -8.03 5.73
C ASP A 48 10.76 -9.29 6.64
N PHE A 49 9.81 -9.39 7.57
CA PHE A 49 9.55 -10.58 8.39
C PHE A 49 9.50 -11.89 7.60
N ALA A 50 8.66 -11.92 6.54
CA ALA A 50 8.50 -13.11 5.68
C ALA A 50 9.83 -13.46 5.01
N ARG A 51 10.68 -12.50 4.60
CA ARG A 51 11.96 -12.82 3.94
C ARG A 51 12.99 -13.28 4.96
N GLN A 52 12.94 -12.74 6.18
CA GLN A 52 13.83 -13.16 7.25
C GLN A 52 13.62 -14.60 7.68
N LYS A 53 12.32 -14.94 7.81
CA LYS A 53 11.88 -16.24 8.29
C LYS A 53 11.80 -17.34 7.18
N LEU A 54 11.27 -17.09 5.97
CA LEU A 54 11.22 -18.13 4.91
C LEU A 54 12.56 -18.62 4.43
N ASP A 55 12.64 -19.92 4.08
CA ASP A 55 13.84 -20.58 3.55
C ASP A 55 14.28 -19.87 2.28
N ALA A 56 15.59 -19.84 2.03
CA ALA A 56 16.12 -19.01 0.94
C ALA A 56 15.67 -19.44 -0.45
N LYS A 57 15.44 -20.73 -0.66
CA LYS A 57 14.86 -21.23 -1.89
C LYS A 57 13.44 -20.74 -2.22
N ILE A 58 12.67 -20.23 -1.24
CA ILE A 58 11.33 -19.76 -1.46
C ILE A 58 11.34 -18.23 -1.68
N GLY A 59 10.85 -17.77 -2.83
CA GLY A 59 10.74 -16.35 -3.16
C GLY A 59 9.73 -15.56 -2.36
N VAL A 60 9.96 -14.26 -2.21
CA VAL A 60 9.00 -13.38 -1.58
C VAL A 60 8.69 -12.37 -2.67
N ALA A 61 7.41 -12.00 -2.68
CA ALA A 61 6.85 -11.11 -3.63
C ALA A 61 6.04 -10.11 -2.84
N ALA A 62 6.13 -8.90 -3.37
CA ALA A 62 5.31 -7.81 -2.88
C ALA A 62 3.98 -7.82 -3.63
N GLN A 63 2.85 -7.53 -3.03
CA GLN A 63 1.58 -7.51 -3.75
C GLN A 63 1.26 -6.26 -4.59
N ASN A 64 2.11 -5.23 -4.61
CA ASN A 64 1.87 -4.06 -5.44
C ASN A 64 3.10 -3.17 -5.29
N CYS A 65 3.25 -2.16 -6.12
CA CYS A 65 4.29 -1.17 -5.93
C CYS A 65 3.91 -0.01 -6.81
N TYR A 66 4.71 1.06 -6.82
CA TYR A 66 4.35 2.14 -7.70
C TYR A 66 5.48 2.20 -8.72
N LYS A 67 5.31 3.21 -9.59
CA LYS A 67 6.12 3.47 -10.79
C LYS A 67 7.35 4.39 -10.80
N VAL A 68 7.76 5.05 -9.70
CA VAL A 68 9.02 5.84 -9.65
C VAL A 68 9.84 5.35 -8.47
N PRO A 69 11.13 5.62 -8.21
CA PRO A 69 11.78 4.99 -7.10
C PRO A 69 11.53 5.68 -5.80
N LYS A 70 11.24 6.97 -5.78
CA LYS A 70 11.04 7.64 -4.49
C LYS A 70 10.11 8.79 -4.75
N GLY A 71 9.49 9.34 -3.70
CA GLY A 71 8.69 10.53 -3.94
C GLY A 71 7.59 10.80 -2.96
N ALA A 72 6.82 11.77 -3.42
CA ALA A 72 5.73 12.23 -2.62
C ALA A 72 4.43 11.52 -2.99
N PHE A 73 4.39 10.23 -2.58
CA PHE A 73 3.22 9.35 -2.79
C PHE A 73 3.01 8.59 -1.51
N THR A 74 2.33 9.29 -0.63
CA THR A 74 1.91 8.76 0.67
C THR A 74 1.17 7.44 0.50
N GLY A 75 1.66 6.37 1.11
CA GLY A 75 0.90 5.13 1.11
C GLY A 75 1.53 4.06 0.22
N GLU A 76 2.38 4.44 -0.74
CA GLU A 76 3.03 3.54 -1.69
C GLU A 76 4.42 3.04 -1.32
N ILE A 77 4.87 1.98 -1.95
CA ILE A 77 6.22 1.48 -1.73
C ILE A 77 6.78 1.32 -3.13
N SER A 78 8.09 1.29 -3.27
CA SER A 78 8.68 1.38 -4.60
C SER A 78 9.50 0.12 -4.89
N PRO A 79 9.76 -0.29 -6.13
CA PRO A 79 10.71 -1.39 -6.40
C PRO A 79 12.03 -1.29 -5.60
N ALA A 80 12.61 -0.11 -5.37
CA ALA A 80 13.86 0.03 -4.60
C ALA A 80 13.79 -0.46 -3.19
N MET A 81 12.69 -0.15 -2.55
CA MET A 81 12.38 -0.60 -1.20
C MET A 81 12.13 -2.11 -1.10
N ILE A 82 11.47 -2.70 -2.11
CA ILE A 82 11.23 -4.15 -2.18
C ILE A 82 12.54 -4.86 -2.41
N LYS A 83 13.40 -4.47 -3.35
CA LYS A 83 14.69 -5.10 -3.46
C LYS A 83 15.54 -4.99 -2.19
N ASP A 84 15.41 -3.84 -1.52
CA ASP A 84 16.18 -3.51 -0.31
C ASP A 84 15.94 -4.54 0.79
N ILE A 85 14.70 -5.01 0.79
CA ILE A 85 14.29 -5.97 1.80
C ILE A 85 14.70 -7.41 1.45
N GLY A 86 15.11 -7.66 0.21
CA GLY A 86 15.48 -8.98 -0.25
C GLY A 86 14.36 -9.69 -1.02
N ALA A 87 13.22 -9.02 -1.33
CA ALA A 87 12.15 -9.71 -2.05
C ALA A 87 12.48 -9.68 -3.52
N ALA A 88 12.23 -10.75 -4.29
CA ALA A 88 12.65 -10.75 -5.69
C ALA A 88 11.53 -10.51 -6.69
N TRP A 89 10.25 -10.43 -6.33
CA TRP A 89 9.16 -10.30 -7.30
C TRP A 89 8.14 -9.27 -6.88
N VAL A 90 7.31 -8.78 -7.78
CA VAL A 90 6.16 -8.01 -7.43
C VAL A 90 4.99 -8.53 -8.26
N ILE A 91 3.81 -8.55 -7.68
CA ILE A 91 2.59 -8.92 -8.37
C ILE A 91 1.98 -7.62 -8.93
N LEU A 92 1.81 -7.44 -10.24
CA LEU A 92 1.25 -6.22 -10.75
C LEU A 92 -0.02 -6.42 -11.55
N GLY A 93 -0.98 -5.53 -11.40
CA GLY A 93 -2.21 -5.62 -12.13
C GLY A 93 -3.10 -6.73 -11.60
N HIS A 94 -3.03 -7.17 -10.34
CA HIS A 94 -3.97 -8.14 -9.82
C HIS A 94 -5.42 -7.71 -10.01
N PRO A 95 -6.43 -8.57 -10.25
CA PRO A 95 -7.79 -8.09 -10.44
C PRO A 95 -8.38 -7.18 -9.41
N GLU A 96 -8.09 -7.43 -8.14
CA GLU A 96 -8.61 -6.54 -7.07
C GLU A 96 -8.14 -5.09 -7.18
N ARG A 97 -6.91 -4.96 -7.67
CA ARG A 97 -6.32 -3.63 -7.91
C ARG A 97 -7.05 -2.95 -9.07
N ARG A 98 -7.37 -3.68 -10.13
CA ARG A 98 -8.06 -3.09 -11.27
C ARG A 98 -9.51 -2.81 -10.96
N HIS A 99 -10.20 -3.70 -10.28
CA HIS A 99 -11.64 -3.48 -10.17
C HIS A 99 -12.07 -2.90 -8.89
N VAL A 100 -11.28 -3.02 -7.82
CA VAL A 100 -11.69 -2.39 -6.56
C VAL A 100 -10.93 -1.06 -6.48
N PHE A 101 -9.68 -1.00 -6.95
CA PHE A 101 -8.90 0.22 -6.78
C PHE A 101 -8.58 1.05 -8.00
N GLY A 102 -9.19 0.79 -9.18
CA GLY A 102 -9.14 1.60 -10.40
C GLY A 102 -7.86 1.62 -11.22
N GLU A 103 -6.98 0.65 -11.04
CA GLU A 103 -5.75 0.70 -11.75
C GLU A 103 -6.01 0.32 -13.18
N SER A 104 -5.72 1.32 -13.98
CA SER A 104 -5.87 1.18 -15.42
C SER A 104 -4.66 0.45 -15.98
N ASP A 105 -4.82 0.02 -17.21
CA ASP A 105 -3.77 -0.65 -17.97
C ASP A 105 -2.64 0.33 -18.20
N GLU A 106 -2.87 1.64 -18.29
CA GLU A 106 -1.75 2.54 -18.54
C GLU A 106 -0.85 2.53 -17.30
N LEU A 107 -1.46 2.60 -16.09
CA LEU A 107 -0.66 2.58 -14.87
C LEU A 107 0.07 1.23 -14.76
N ILE A 108 -0.61 0.09 -14.96
CA ILE A 108 0.01 -1.21 -14.75
C ILE A 108 1.18 -1.34 -15.67
N GLY A 109 1.02 -0.80 -16.89
CA GLY A 109 2.05 -0.86 -17.89
C GLY A 109 3.27 -0.01 -17.45
N GLN A 110 3.07 1.16 -16.82
CA GLN A 110 4.20 1.98 -16.41
C GLN A 110 4.92 1.34 -15.19
N LYS A 111 4.17 0.70 -14.26
CA LYS A 111 4.74 0.02 -13.09
C LYS A 111 5.51 -1.20 -13.52
N VAL A 112 5.00 -2.01 -14.47
CA VAL A 112 5.78 -3.13 -15.01
C VAL A 112 7.11 -2.63 -15.54
N ALA A 113 7.16 -1.58 -16.35
CA ALA A 113 8.44 -1.17 -16.94
C ALA A 113 9.36 -0.67 -15.80
N HIS A 114 8.80 -0.06 -14.74
CA HIS A 114 9.68 0.46 -13.69
C HIS A 114 10.25 -0.66 -12.87
N ALA A 115 9.41 -1.64 -12.49
CA ALA A 115 9.83 -2.75 -11.69
C ALA A 115 10.87 -3.54 -12.42
N LEU A 116 10.64 -3.72 -13.73
CA LEU A 116 11.65 -4.41 -14.52
C LEU A 116 12.97 -3.62 -14.66
N ALA A 117 12.89 -2.31 -14.89
CA ALA A 117 14.09 -1.44 -14.94
C ALA A 117 14.88 -1.57 -13.63
N GLU A 118 14.19 -1.69 -12.51
CA GLU A 118 14.87 -1.86 -11.22
C GLU A 118 15.37 -3.26 -10.93
N GLY A 119 15.14 -4.19 -11.87
CA GLY A 119 15.63 -5.55 -11.75
C GLY A 119 14.76 -6.46 -10.90
N LEU A 120 13.47 -6.19 -10.71
CA LEU A 120 12.61 -7.15 -10.03
C LEU A 120 11.94 -8.07 -11.04
N GLY A 121 11.31 -9.11 -10.56
CA GLY A 121 10.54 -10.00 -11.37
C GLY A 121 9.14 -9.49 -11.26
N VAL A 122 8.34 -9.69 -12.32
CA VAL A 122 6.96 -9.26 -12.31
C VAL A 122 6.02 -10.45 -12.56
N ILE A 123 4.97 -10.60 -11.74
CA ILE A 123 3.92 -11.57 -12.02
C ILE A 123 2.83 -10.63 -12.43
N ALA A 124 2.70 -10.51 -13.75
CA ALA A 124 1.77 -9.64 -14.43
C ALA A 124 0.39 -10.32 -14.53
N CYS A 125 -0.69 -9.74 -14.02
CA CYS A 125 -2.01 -10.38 -14.01
C CYS A 125 -2.95 -9.88 -15.08
N ILE A 126 -3.73 -10.78 -15.71
CA ILE A 126 -4.76 -10.41 -16.68
C ILE A 126 -6.00 -11.31 -16.43
N GLY A 127 -7.21 -10.99 -16.88
CA GLY A 127 -8.37 -11.82 -16.59
C GLY A 127 -9.61 -11.07 -17.01
N GLU A 128 -10.59 -11.78 -17.62
CA GLU A 128 -11.82 -11.14 -18.11
C GLU A 128 -12.89 -11.31 -17.06
N LYS A 129 -13.92 -10.50 -17.21
CA LYS A 129 -15.05 -10.60 -16.32
C LYS A 129 -16.03 -11.61 -16.92
N LEU A 130 -16.97 -12.10 -16.12
CA LEU A 130 -17.93 -13.06 -16.62
C LEU A 130 -18.82 -12.50 -17.73
N ASP A 131 -19.24 -11.25 -17.64
CA ASP A 131 -20.10 -10.68 -18.67
C ASP A 131 -19.31 -10.50 -19.96
N GLU A 132 -17.98 -10.58 -19.94
CA GLU A 132 -17.17 -10.51 -21.13
C GLU A 132 -16.93 -11.94 -21.66
N ARG A 133 -16.88 -12.95 -20.79
CA ARG A 133 -16.73 -14.34 -21.21
C ARG A 133 -17.99 -14.73 -22.01
N GLU A 134 -19.15 -14.42 -21.44
CA GLU A 134 -20.44 -14.72 -22.05
C GLU A 134 -20.73 -13.93 -23.28
N ALA A 135 -20.04 -12.81 -23.49
CA ALA A 135 -20.27 -12.06 -24.71
C ALA A 135 -19.33 -12.60 -25.77
N GLY A 136 -18.46 -13.56 -25.46
CA GLY A 136 -17.65 -14.17 -26.49
C GLY A 136 -16.41 -13.35 -26.78
N ILE A 137 -15.97 -12.42 -25.86
CA ILE A 137 -14.79 -11.60 -26.11
C ILE A 137 -13.68 -11.86 -25.09
N THR A 138 -13.51 -13.02 -24.43
CA THR A 138 -12.34 -13.34 -23.58
C THR A 138 -11.03 -13.01 -24.29
N GLU A 139 -10.84 -13.58 -25.46
CA GLU A 139 -9.65 -13.44 -26.25
C GLU A 139 -9.26 -11.99 -26.60
N LYS A 140 -10.16 -11.07 -26.93
CA LYS A 140 -9.85 -9.67 -27.22
C LYS A 140 -9.51 -8.93 -25.91
N VAL A 141 -10.24 -9.12 -24.83
CA VAL A 141 -9.93 -8.62 -23.48
C VAL A 141 -8.51 -9.04 -23.06
N VAL A 142 -8.22 -10.33 -22.85
CA VAL A 142 -6.91 -10.77 -22.38
C VAL A 142 -5.78 -10.42 -23.33
N PHE A 143 -6.04 -10.24 -24.64
CA PHE A 143 -4.96 -9.82 -25.54
C PHE A 143 -4.70 -8.31 -25.43
N GLU A 144 -5.77 -7.56 -25.13
CA GLU A 144 -5.71 -6.11 -24.86
C GLU A 144 -4.82 -5.91 -23.63
N GLN A 145 -5.14 -6.63 -22.56
CA GLN A 145 -4.43 -6.58 -21.29
C GLN A 145 -2.99 -7.00 -21.43
N THR A 146 -2.74 -8.11 -22.13
CA THR A 146 -1.40 -8.61 -22.33
C THR A 146 -0.62 -7.61 -23.18
N LYS A 147 -1.28 -6.86 -24.08
CA LYS A 147 -0.54 -5.97 -24.94
C LYS A 147 -0.05 -4.76 -24.14
N ALA A 148 -0.90 -4.27 -23.21
CA ALA A 148 -0.56 -3.14 -22.35
C ALA A 148 0.65 -3.41 -21.45
N ILE A 149 0.88 -4.70 -21.14
CA ILE A 149 2.01 -5.19 -20.40
C ILE A 149 3.19 -5.40 -21.34
N ALA A 150 3.04 -6.14 -22.47
CA ALA A 150 4.13 -6.53 -23.37
C ALA A 150 4.93 -5.44 -24.07
N ASP A 151 4.20 -4.36 -24.37
CA ASP A 151 4.67 -3.11 -24.89
C ASP A 151 5.60 -2.38 -23.91
N ASN A 152 5.50 -2.71 -22.62
CA ASN A 152 6.29 -2.16 -21.54
C ASN A 152 7.31 -3.14 -21.02
N VAL A 153 7.60 -4.21 -21.76
CA VAL A 153 8.51 -5.24 -21.33
C VAL A 153 9.67 -5.29 -22.33
N LYS A 154 10.87 -4.87 -21.92
CA LYS A 154 12.07 -5.02 -22.75
C LYS A 154 12.73 -6.38 -22.49
N ASP A 155 12.51 -7.02 -21.35
CA ASP A 155 13.16 -8.29 -21.04
C ASP A 155 12.20 -9.22 -20.33
N TRP A 156 11.88 -10.30 -21.06
CA TRP A 156 10.92 -11.33 -20.67
C TRP A 156 11.44 -12.39 -19.75
N SER A 157 12.74 -12.54 -19.52
CA SER A 157 13.24 -13.58 -18.64
C SER A 157 12.78 -13.50 -17.21
N LYS A 158 12.30 -12.30 -16.83
CA LYS A 158 11.84 -12.04 -15.47
C LYS A 158 10.37 -11.71 -15.36
N VAL A 159 9.60 -12.08 -16.39
CA VAL A 159 8.15 -11.92 -16.38
C VAL A 159 7.42 -13.30 -16.25
N VAL A 160 6.45 -13.43 -15.36
CA VAL A 160 5.58 -14.61 -15.25
C VAL A 160 4.19 -14.02 -15.55
N LEU A 161 3.38 -14.52 -16.53
CA LEU A 161 2.02 -14.06 -16.73
C LEU A 161 0.94 -14.84 -16.00
N ALA A 162 -0.03 -14.23 -15.35
CA ALA A 162 -0.99 -14.95 -14.54
C ALA A 162 -2.36 -14.60 -15.06
N TYR A 163 -3.03 -15.65 -15.61
CA TYR A 163 -4.40 -15.51 -16.10
C TYR A 163 -5.29 -15.80 -14.93
N GLU A 164 -6.15 -14.84 -14.66
CA GLU A 164 -6.99 -14.87 -13.50
C GLU A 164 -8.37 -14.36 -13.83
N PRO A 165 -9.28 -15.25 -14.32
CA PRO A 165 -10.61 -14.85 -14.72
C PRO A 165 -11.26 -14.36 -13.45
N VAL A 166 -11.92 -13.19 -13.50
CA VAL A 166 -12.32 -12.59 -12.27
C VAL A 166 -13.51 -13.28 -11.66
N TRP A 167 -14.23 -14.07 -12.49
CA TRP A 167 -15.40 -14.82 -12.04
C TRP A 167 -14.96 -15.98 -11.16
N ALA A 168 -13.67 -16.37 -11.23
CA ALA A 168 -13.05 -17.41 -10.44
C ALA A 168 -12.26 -17.05 -9.16
N ILE A 169 -12.10 -15.75 -8.88
CA ILE A 169 -11.30 -15.33 -7.74
C ILE A 169 -12.15 -15.28 -6.48
N GLY A 170 -11.79 -16.18 -5.56
CA GLY A 170 -12.47 -16.35 -4.29
C GLY A 170 -13.95 -16.77 -4.38
N THR A 171 -14.46 -17.07 -5.60
CA THR A 171 -15.84 -17.46 -5.78
C THR A 171 -16.04 -18.94 -5.57
N GLY A 172 -15.00 -19.73 -5.80
CA GLY A 172 -15.14 -21.18 -5.85
C GLY A 172 -15.42 -21.65 -7.28
N LYS A 173 -15.86 -20.76 -8.20
CA LYS A 173 -16.14 -21.09 -9.60
C LYS A 173 -14.86 -21.17 -10.41
N THR A 174 -14.09 -22.24 -10.21
CA THR A 174 -12.84 -22.40 -10.92
C THR A 174 -12.99 -22.87 -12.36
N ALA A 175 -12.04 -22.43 -13.16
CA ALA A 175 -12.04 -22.80 -14.53
C ALA A 175 -11.81 -24.31 -14.69
N THR A 176 -12.48 -24.92 -15.68
CA THR A 176 -12.22 -26.34 -15.96
C THR A 176 -10.85 -26.46 -16.54
N PRO A 177 -10.11 -27.56 -16.53
CA PRO A 177 -8.80 -27.61 -17.17
C PRO A 177 -8.79 -27.21 -18.66
N GLN A 178 -9.93 -27.48 -19.32
CA GLN A 178 -10.13 -27.22 -20.72
C GLN A 178 -10.22 -25.72 -21.00
N GLN A 179 -10.95 -25.03 -20.12
CA GLN A 179 -11.06 -23.57 -20.08
C GLN A 179 -9.74 -22.87 -19.80
N ALA A 180 -8.96 -23.33 -18.82
CA ALA A 180 -7.66 -22.73 -18.54
C ALA A 180 -6.80 -22.92 -19.77
N GLN A 181 -6.66 -24.19 -20.22
CA GLN A 181 -5.90 -24.55 -21.42
C GLN A 181 -6.27 -23.81 -22.69
N GLU A 182 -7.51 -23.55 -23.02
CA GLU A 182 -7.81 -22.80 -24.23
C GLU A 182 -7.16 -21.38 -24.13
N VAL A 183 -7.38 -20.61 -23.02
CA VAL A 183 -6.85 -19.25 -23.05
C VAL A 183 -5.35 -19.22 -22.83
N HIS A 184 -4.75 -20.18 -22.11
CA HIS A 184 -3.30 -20.22 -22.00
C HIS A 184 -2.68 -20.61 -23.32
N GLU A 185 -3.24 -21.49 -24.17
CA GLU A 185 -2.52 -21.72 -25.45
C GLU A 185 -2.76 -20.57 -26.40
N LYS A 186 -3.86 -19.85 -26.24
CA LYS A 186 -4.07 -18.65 -27.01
C LYS A 186 -3.07 -17.56 -26.67
N LEU A 187 -2.82 -17.38 -25.36
CA LEU A 187 -1.82 -16.44 -24.82
C LEU A 187 -0.40 -16.69 -25.35
N ARG A 188 -0.01 -17.96 -25.33
CA ARG A 188 1.29 -18.39 -25.80
C ARG A 188 1.53 -18.12 -27.28
N GLY A 189 0.44 -18.29 -28.04
CA GLY A 189 0.50 -18.08 -29.46
C GLY A 189 0.55 -16.59 -29.72
N TRP A 190 -0.23 -15.80 -28.97
CA TRP A 190 -0.14 -14.31 -29.08
C TRP A 190 1.31 -13.86 -28.92
N LEU A 191 1.93 -14.45 -27.93
CA LEU A 191 3.32 -14.19 -27.65
C LEU A 191 4.25 -14.53 -28.79
N LYS A 192 4.01 -15.68 -29.46
CA LYS A 192 4.95 -16.08 -30.48
C LYS A 192 4.73 -15.23 -31.70
N THR A 193 3.53 -14.71 -31.90
CA THR A 193 3.36 -13.87 -33.07
C THR A 193 3.59 -12.39 -32.86
N HIS A 194 3.40 -11.81 -31.66
CA HIS A 194 3.68 -10.40 -31.47
C HIS A 194 4.97 -10.08 -30.75
N VAL A 195 5.74 -11.05 -30.28
CA VAL A 195 6.97 -10.84 -29.53
C VAL A 195 7.90 -11.84 -30.19
N SER A 196 7.91 -13.13 -29.85
CA SER A 196 8.79 -14.10 -30.47
C SER A 196 8.58 -15.50 -29.96
N ASP A 197 9.05 -16.44 -30.77
CA ASP A 197 9.05 -17.84 -30.44
C ASP A 197 9.79 -18.20 -29.17
N ALA A 198 11.06 -17.79 -28.99
CA ALA A 198 11.81 -18.01 -27.77
C ALA A 198 11.09 -17.38 -26.57
N VAL A 199 10.43 -16.22 -26.70
CA VAL A 199 9.70 -15.70 -25.55
C VAL A 199 8.53 -16.62 -25.23
N ALA A 200 7.70 -17.00 -26.21
CA ALA A 200 6.55 -17.89 -26.04
C ALA A 200 6.92 -19.25 -25.48
N GLN A 201 8.03 -19.82 -25.93
CA GLN A 201 8.53 -21.10 -25.46
C GLN A 201 8.85 -20.98 -23.98
N SER A 202 9.51 -19.87 -23.62
CA SER A 202 10.05 -19.61 -22.28
C SER A 202 9.17 -19.15 -21.15
N THR A 203 8.16 -18.37 -21.49
CA THR A 203 7.33 -17.74 -20.53
C THR A 203 6.29 -18.58 -19.83
N ARG A 204 6.45 -18.61 -18.51
CA ARG A 204 5.52 -19.28 -17.65
C ARG A 204 4.20 -18.55 -17.69
N ILE A 205 3.12 -19.27 -17.95
CA ILE A 205 1.78 -18.69 -17.90
C ILE A 205 1.07 -19.50 -16.85
N ILE A 206 0.62 -18.88 -15.75
CA ILE A 206 0.11 -19.61 -14.59
C ILE A 206 -1.35 -19.29 -14.42
N TYR A 207 -2.16 -20.09 -13.73
CA TYR A 207 -3.61 -19.83 -13.59
C TYR A 207 -3.89 -19.59 -12.13
N GLY A 208 -4.75 -18.63 -11.90
CA GLY A 208 -5.28 -18.42 -10.59
C GLY A 208 -6.77 -18.23 -10.67
N GLY A 209 -7.46 -18.62 -9.60
CA GLY A 209 -8.87 -18.46 -9.46
C GLY A 209 -9.43 -19.76 -8.92
N SER A 210 -9.46 -19.89 -7.61
CA SER A 210 -9.95 -21.00 -6.85
C SER A 210 -9.32 -22.36 -7.02
N VAL A 211 -7.99 -22.29 -7.11
CA VAL A 211 -7.12 -23.45 -7.07
C VAL A 211 -7.12 -23.97 -5.64
N THR A 212 -7.39 -25.25 -5.43
CA THR A 212 -7.36 -25.90 -4.13
C THR A 212 -6.52 -27.16 -4.31
N GLY A 213 -6.18 -27.90 -3.26
CA GLY A 213 -5.45 -29.17 -3.42
C GLY A 213 -6.33 -30.25 -4.06
N GLY A 214 -7.63 -29.98 -4.04
CA GLY A 214 -8.62 -30.83 -4.66
C GLY A 214 -8.64 -30.75 -6.18
N ASN A 215 -8.50 -29.58 -6.83
CA ASN A 215 -8.59 -29.56 -8.27
C ASN A 215 -7.30 -29.27 -9.00
N CYS A 216 -6.19 -29.22 -8.28
CA CYS A 216 -4.95 -28.81 -8.90
C CYS A 216 -4.25 -29.83 -9.78
N LYS A 217 -4.34 -31.16 -9.63
CA LYS A 217 -3.56 -32.04 -10.53
C LYS A 217 -4.12 -32.02 -11.94
N GLU A 218 -5.43 -31.89 -12.11
CA GLU A 218 -6.08 -31.85 -13.43
C GLU A 218 -5.68 -30.60 -14.22
N LEU A 219 -5.81 -29.41 -13.57
CA LEU A 219 -5.35 -28.17 -14.19
C LEU A 219 -3.88 -28.25 -14.48
N ALA A 220 -3.04 -28.80 -13.59
CA ALA A 220 -1.61 -28.81 -13.84
C ALA A 220 -1.21 -29.73 -14.98
N SER A 221 -2.03 -30.77 -15.28
CA SER A 221 -1.69 -31.65 -16.42
C SER A 221 -1.93 -31.04 -17.79
N GLN A 222 -2.68 -29.92 -17.83
CA GLN A 222 -2.82 -29.18 -19.06
C GLN A 222 -1.49 -28.62 -19.49
N HIS A 223 -1.25 -28.82 -20.77
CA HIS A 223 -0.01 -28.53 -21.47
C HIS A 223 0.59 -27.11 -21.38
N ASP A 224 -0.26 -26.08 -21.40
CA ASP A 224 0.21 -24.71 -21.34
C ASP A 224 -0.04 -24.03 -19.98
N VAL A 225 -0.50 -24.76 -18.96
CA VAL A 225 -0.59 -24.28 -17.59
C VAL A 225 0.76 -24.61 -16.91
N ASP A 226 1.53 -23.58 -16.61
CA ASP A 226 2.84 -23.70 -15.99
C ASP A 226 2.80 -23.51 -14.48
N GLY A 227 1.65 -23.58 -13.82
CA GLY A 227 1.54 -23.35 -12.39
C GLY A 227 0.34 -22.50 -12.10
N PHE A 228 0.33 -22.02 -10.85
CA PHE A 228 -0.80 -21.38 -10.25
C PHE A 228 -0.46 -20.13 -9.43
N LEU A 229 -1.38 -19.19 -9.30
CA LEU A 229 -1.24 -18.11 -8.31
C LEU A 229 -2.45 -18.32 -7.45
N VAL A 230 -2.17 -18.98 -6.33
CA VAL A 230 -3.26 -19.33 -5.44
C VAL A 230 -3.45 -18.34 -4.28
N GLY A 231 -4.67 -18.05 -3.87
CA GLY A 231 -5.02 -17.10 -2.84
C GLY A 231 -5.42 -17.78 -1.55
N GLY A 232 -6.71 -17.90 -1.24
CA GLY A 232 -7.21 -18.48 0.00
C GLY A 232 -6.61 -19.82 0.39
N ALA A 233 -6.41 -20.74 -0.56
CA ALA A 233 -5.75 -22.01 -0.22
C ALA A 233 -4.26 -21.90 0.16
N SER A 234 -3.57 -20.77 -0.10
CA SER A 234 -2.14 -20.68 0.18
C SER A 234 -1.94 -20.31 1.64
N LEU A 235 -3.00 -19.91 2.33
CA LEU A 235 -2.95 -19.71 3.77
C LEU A 235 -3.14 -21.02 4.56
N LYS A 236 -3.33 -22.17 3.88
CA LYS A 236 -3.61 -23.48 4.50
C LYS A 236 -2.48 -24.46 4.24
N PRO A 237 -2.23 -25.54 5.02
CA PRO A 237 -1.31 -26.64 4.71
C PRO A 237 -1.42 -27.21 3.28
N GLU A 238 -2.63 -27.09 2.74
CA GLU A 238 -3.00 -27.45 1.37
C GLU A 238 -2.08 -26.91 0.28
N PHE A 239 -1.46 -25.76 0.59
CA PHE A 239 -0.54 -25.12 -0.34
C PHE A 239 0.59 -26.05 -0.78
N VAL A 240 1.01 -26.92 0.15
CA VAL A 240 2.07 -27.88 -0.10
C VAL A 240 1.66 -28.91 -1.19
N ASP A 241 0.38 -29.30 -1.19
CA ASP A 241 -0.15 -30.15 -2.24
C ASP A 241 -0.14 -29.45 -3.59
N ILE A 242 -0.63 -28.19 -3.69
CA ILE A 242 -0.64 -27.44 -4.94
C ILE A 242 0.76 -27.21 -5.53
N ILE A 243 1.77 -27.09 -4.66
CA ILE A 243 3.16 -26.87 -5.04
C ILE A 243 3.65 -28.09 -5.78
N ASN A 244 3.39 -29.22 -5.15
CA ASN A 244 3.76 -30.54 -5.60
C ASN A 244 2.76 -31.03 -6.64
N ALA A 245 1.74 -30.27 -7.07
CA ALA A 245 0.65 -30.76 -7.91
C ALA A 245 0.91 -31.60 -9.14
N LYS A 246 2.10 -31.78 -9.72
CA LYS A 246 2.22 -32.78 -10.78
C LYS A 246 2.58 -34.11 -10.10
N HIS A 247 2.09 -34.33 -8.86
CA HIS A 247 2.40 -35.51 -8.07
C HIS A 247 1.19 -36.29 -7.57
N ARG B 3 -3.44 21.68 25.05
CA ARG B 3 -3.22 20.89 23.85
C ARG B 3 -1.74 20.75 23.63
N LYS B 4 -1.30 19.51 23.81
CA LYS B 4 0.09 19.18 23.65
C LYS B 4 0.49 19.35 22.21
N PHE B 5 1.60 20.05 21.90
CA PHE B 5 2.11 20.34 20.57
C PHE B 5 2.43 19.04 19.83
N PHE B 6 1.98 18.90 18.59
CA PHE B 6 2.10 17.59 17.96
C PHE B 6 2.89 17.72 16.67
N VAL B 7 4.08 17.14 16.44
CA VAL B 7 4.55 17.11 15.08
C VAL B 7 4.87 15.67 14.62
N GLY B 8 4.17 15.38 13.51
CA GLY B 8 4.39 14.14 12.80
C GLY B 8 5.31 14.35 11.59
N GLY B 9 6.18 13.40 11.33
CA GLY B 9 6.98 13.36 10.14
C GLY B 9 6.42 12.31 9.17
N ASN B 10 5.86 12.76 8.04
CA ASN B 10 5.39 11.90 6.96
C ASN B 10 6.54 11.57 6.03
N TRP B 11 7.16 10.40 6.14
CA TRP B 11 8.28 10.07 5.30
C TRP B 11 7.89 9.68 3.86
N LYS B 12 6.59 9.60 3.54
CA LYS B 12 6.01 9.33 2.20
C LYS B 12 6.73 8.18 1.51
N MET B 13 7.05 8.20 0.23
CA MET B 13 7.66 7.04 -0.36
C MET B 13 9.16 7.29 -0.43
N ASN B 14 9.72 7.28 0.78
CA ASN B 14 11.16 7.52 0.92
C ASN B 14 11.84 6.60 1.91
N GLY B 15 13.08 6.37 1.53
CA GLY B 15 14.09 5.68 2.30
C GLY B 15 14.38 4.24 1.93
N ASP B 16 15.43 3.78 2.60
CA ASP B 16 15.76 2.37 2.62
C ASP B 16 16.19 2.11 4.04
N LYS B 17 16.50 0.84 4.35
CA LYS B 17 16.76 0.45 5.70
C LYS B 17 18.02 1.17 6.17
N LYS B 18 19.07 1.30 5.34
CA LYS B 18 20.30 2.06 5.69
C LYS B 18 20.03 3.52 6.13
N SER B 19 19.34 4.29 5.29
CA SER B 19 19.17 5.70 5.55
C SER B 19 18.10 5.97 6.59
N LEU B 20 17.15 5.06 6.84
CA LEU B 20 16.15 5.30 7.86
C LEU B 20 16.70 4.83 9.19
N GLY B 21 17.62 3.86 9.22
CA GLY B 21 18.29 3.56 10.46
C GLY B 21 19.13 4.79 10.83
N GLU B 22 19.81 5.43 9.87
CA GLU B 22 20.59 6.66 10.10
C GLU B 22 19.78 7.84 10.64
N LEU B 23 18.63 8.15 10.04
CA LEU B 23 17.70 9.18 10.50
C LEU B 23 17.15 8.86 11.91
N ILE B 24 16.72 7.59 12.14
CA ILE B 24 16.26 7.19 13.46
C ILE B 24 17.33 7.30 14.54
N HIS B 25 18.60 7.01 14.25
CA HIS B 25 19.67 7.17 15.23
C HIS B 25 19.81 8.66 15.59
N THR B 26 19.58 9.60 14.64
CA THR B 26 19.63 11.03 14.92
C THR B 26 18.49 11.43 15.84
N LEU B 27 17.25 11.06 15.56
CA LEU B 27 16.14 11.35 16.40
C LEU B 27 16.25 10.80 17.80
N ASN B 28 16.82 9.61 17.93
CA ASN B 28 16.89 8.99 19.24
C ASN B 28 17.83 9.67 20.21
N GLY B 29 18.96 10.11 19.64
CA GLY B 29 20.04 10.73 20.39
C GLY B 29 19.97 12.26 20.47
N ALA B 30 18.93 12.85 19.90
CA ALA B 30 18.72 14.28 19.88
C ALA B 30 17.94 14.71 21.11
N LYS B 31 18.11 15.98 21.55
CA LYS B 31 17.36 16.54 22.65
C LYS B 31 16.06 17.02 22.05
N LEU B 32 15.00 16.34 22.39
CA LEU B 32 13.67 16.60 21.88
C LEU B 32 12.79 17.02 23.03
N SER B 33 12.03 18.10 22.83
CA SER B 33 11.18 18.65 23.86
C SER B 33 10.14 17.69 24.40
N ALA B 34 10.12 17.57 25.73
CA ALA B 34 9.15 16.74 26.43
C ALA B 34 7.74 17.24 26.30
N ASP B 35 7.59 18.46 25.76
CA ASP B 35 6.27 19.03 25.58
C ASP B 35 5.67 18.74 24.23
N THR B 36 6.43 18.09 23.34
CA THR B 36 5.99 17.80 21.99
C THR B 36 5.69 16.30 21.83
N GLU B 37 4.52 15.95 21.29
CA GLU B 37 4.24 14.57 20.83
C GLU B 37 4.75 14.37 19.40
N VAL B 38 5.68 13.47 19.22
CA VAL B 38 6.35 13.18 17.98
C VAL B 38 5.91 11.83 17.34
N VAL B 39 5.48 11.73 16.07
CA VAL B 39 5.21 10.43 15.46
C VAL B 39 5.85 10.38 14.09
N CYS B 40 6.53 9.29 13.72
CA CYS B 40 7.06 9.12 12.36
C CYS B 40 6.19 8.16 11.53
N GLY B 41 5.78 8.59 10.36
CA GLY B 41 5.01 7.83 9.35
C GLY B 41 5.96 7.19 8.31
N ALA B 42 6.35 5.97 8.63
CA ALA B 42 7.26 5.19 7.79
C ALA B 42 6.47 4.61 6.60
N PRO B 43 7.08 4.24 5.47
CA PRO B 43 6.44 3.38 4.45
C PRO B 43 6.07 2.05 5.11
N SER B 44 4.94 1.40 4.76
CA SER B 44 4.50 0.15 5.40
C SER B 44 5.57 -0.93 5.46
N ILE B 45 6.46 -0.97 4.47
CA ILE B 45 7.51 -1.99 4.40
C ILE B 45 8.62 -1.87 5.49
N TYR B 46 8.66 -0.70 6.18
CA TYR B 46 9.63 -0.39 7.22
C TYR B 46 8.90 0.03 8.51
N LEU B 47 7.55 -0.10 8.60
CA LEU B 47 6.84 0.10 9.89
C LEU B 47 7.39 -0.73 11.06
N ASP B 48 7.66 -2.02 10.83
CA ASP B 48 8.19 -2.90 11.87
C ASP B 48 9.59 -2.53 12.34
N PHE B 49 10.51 -2.37 11.38
CA PHE B 49 11.86 -1.93 11.62
C PHE B 49 11.86 -0.59 12.30
N ALA B 50 11.18 0.49 11.86
CA ALA B 50 11.09 1.77 12.60
C ALA B 50 10.55 1.59 14.03
N ARG B 51 9.45 0.84 14.26
CA ARG B 51 9.03 0.55 15.64
C ARG B 51 10.11 -0.18 16.42
N GLN B 52 10.96 -1.00 15.82
CA GLN B 52 11.95 -1.68 16.60
C GLN B 52 13.14 -0.77 16.94
N LYS B 53 13.41 0.26 16.14
CA LYS B 53 14.58 1.07 16.36
C LYS B 53 14.35 2.38 17.12
N LEU B 54 13.18 3.00 16.99
CA LEU B 54 12.87 4.25 17.62
C LEU B 54 12.55 4.13 19.08
N ASP B 55 13.09 5.11 19.87
CA ASP B 55 12.84 5.18 21.30
C ASP B 55 11.33 5.14 21.49
N ALA B 56 10.88 4.44 22.51
CA ALA B 56 9.49 4.28 22.79
C ALA B 56 8.70 5.56 22.90
N LYS B 57 9.28 6.69 23.37
CA LYS B 57 8.52 7.93 23.49
C LYS B 57 8.14 8.49 22.12
N ILE B 58 8.72 8.01 21.03
CA ILE B 58 8.41 8.45 19.68
C ILE B 58 7.39 7.47 19.12
N GLY B 59 6.29 7.98 18.60
CA GLY B 59 5.24 7.18 17.98
C GLY B 59 5.54 6.79 16.56
N VAL B 60 4.94 5.65 16.14
CA VAL B 60 5.05 5.23 14.74
C VAL B 60 3.61 5.24 14.22
N ALA B 61 3.46 5.77 13.02
CA ALA B 61 2.21 5.88 12.26
C ALA B 61 2.41 5.17 10.93
N ALA B 62 1.29 4.65 10.45
CA ALA B 62 1.21 4.04 9.12
C ALA B 62 0.74 5.11 8.15
N GLN B 63 1.25 5.14 6.92
CA GLN B 63 0.76 6.13 5.94
C GLN B 63 -0.60 5.92 5.28
N ASN B 64 -1.22 4.73 5.43
CA ASN B 64 -2.55 4.43 4.86
C ASN B 64 -3.02 3.10 5.46
N CYS B 65 -4.28 2.73 5.36
CA CYS B 65 -4.74 1.39 5.82
C CYS B 65 -6.10 1.14 5.15
N TYR B 66 -6.62 -0.09 5.11
CA TYR B 66 -7.97 -0.29 4.53
C TYR B 66 -9.06 -0.32 5.60
N LYS B 67 -10.32 -0.52 5.17
CA LYS B 67 -11.47 -0.49 6.05
C LYS B 67 -12.05 -1.75 6.65
N VAL B 68 -11.41 -2.93 6.63
CA VAL B 68 -11.91 -4.20 7.20
C VAL B 68 -10.66 -4.94 7.72
N PRO B 69 -10.70 -5.82 8.75
CA PRO B 69 -9.53 -6.52 9.29
C PRO B 69 -8.77 -7.42 8.36
N LYS B 70 -9.48 -8.03 7.42
CA LYS B 70 -8.88 -9.04 6.52
C LYS B 70 -9.68 -9.25 5.24
N GLY B 71 -9.22 -9.98 4.22
CA GLY B 71 -10.07 -10.11 3.05
C GLY B 71 -9.24 -10.04 1.80
N ALA B 72 -9.93 -10.22 0.67
CA ALA B 72 -9.29 -10.31 -0.62
C ALA B 72 -9.12 -8.94 -1.26
N PHE B 73 -8.07 -8.27 -0.71
CA PHE B 73 -7.72 -6.93 -1.15
C PHE B 73 -6.20 -6.92 -1.30
N THR B 74 -5.72 -7.51 -2.42
CA THR B 74 -4.33 -7.55 -2.79
C THR B 74 -3.71 -6.13 -2.70
N GLY B 75 -2.60 -6.01 -1.98
CA GLY B 75 -1.84 -4.76 -1.92
C GLY B 75 -2.21 -3.85 -0.75
N GLU B 76 -3.29 -4.11 0.04
CA GLU B 76 -3.70 -3.31 1.19
C GLU B 76 -3.23 -3.90 2.51
N ILE B 77 -3.41 -3.20 3.64
CA ILE B 77 -3.08 -3.70 4.97
C ILE B 77 -4.16 -3.15 5.87
N SER B 78 -4.39 -3.72 7.03
CA SER B 78 -5.53 -3.28 7.85
C SER B 78 -5.14 -2.63 9.17
N PRO B 79 -5.94 -1.90 9.95
CA PRO B 79 -5.62 -1.58 11.38
C PRO B 79 -5.11 -2.68 12.29
N ALA B 80 -5.60 -3.91 12.19
CA ALA B 80 -5.09 -5.08 12.91
C ALA B 80 -3.63 -5.41 12.65
N MET B 81 -3.12 -5.28 11.42
CA MET B 81 -1.72 -5.59 11.15
C MET B 81 -0.78 -4.51 11.73
N ILE B 82 -1.24 -3.26 11.63
CA ILE B 82 -0.53 -2.04 12.11
C ILE B 82 -0.41 -2.12 13.61
N LYS B 83 -1.46 -2.54 14.29
CA LYS B 83 -1.43 -2.66 15.74
C LYS B 83 -0.54 -3.84 16.12
N ASP B 84 -0.55 -4.92 15.33
CA ASP B 84 0.30 -6.09 15.57
C ASP B 84 1.78 -5.77 15.51
N ILE B 85 2.17 -4.78 14.68
CA ILE B 85 3.57 -4.43 14.55
C ILE B 85 3.94 -3.41 15.64
N GLY B 86 2.93 -2.81 16.25
CA GLY B 86 3.12 -1.98 17.43
C GLY B 86 3.12 -0.50 17.14
N ALA B 87 2.46 -0.10 16.07
CA ALA B 87 2.33 1.27 15.69
C ALA B 87 0.99 1.69 16.23
N ALA B 88 0.84 2.98 16.48
CA ALA B 88 -0.31 3.41 17.24
C ALA B 88 -1.20 4.40 16.54
N TRP B 89 -0.73 4.74 15.34
CA TRP B 89 -1.31 5.76 14.51
C TRP B 89 -1.44 5.37 13.05
N VAL B 90 -2.37 6.05 12.36
CA VAL B 90 -2.51 5.95 10.91
C VAL B 90 -2.95 7.32 10.37
N ILE B 91 -2.27 7.74 9.30
CA ILE B 91 -2.56 8.93 8.53
C ILE B 91 -3.63 8.60 7.44
N LEU B 92 -4.75 9.29 7.41
CA LEU B 92 -5.85 8.94 6.53
C LEU B 92 -6.36 10.19 5.91
N GLY B 93 -6.65 10.12 4.61
CA GLY B 93 -7.25 11.25 3.94
C GLY B 93 -6.15 12.14 3.36
N HIS B 94 -4.88 11.70 3.39
CA HIS B 94 -3.79 12.54 2.89
C HIS B 94 -4.10 12.97 1.44
N PRO B 95 -3.84 14.23 1.05
CA PRO B 95 -4.09 14.77 -0.30
C PRO B 95 -3.55 13.95 -1.45
N GLU B 96 -2.41 13.28 -1.29
CA GLU B 96 -1.93 12.36 -2.32
C GLU B 96 -2.92 11.19 -2.47
N ARG B 97 -3.52 10.68 -1.39
CA ARG B 97 -4.50 9.59 -1.53
C ARG B 97 -5.79 10.09 -2.14
N ARG B 98 -6.19 11.33 -1.84
CA ARG B 98 -7.34 11.91 -2.50
C ARG B 98 -7.18 12.25 -3.96
N HIS B 99 -6.11 12.93 -4.35
CA HIS B 99 -6.01 13.45 -5.68
C HIS B 99 -5.18 12.61 -6.61
N VAL B 100 -4.18 11.90 -6.12
CA VAL B 100 -3.46 11.02 -7.02
C VAL B 100 -4.11 9.64 -7.10
N PHE B 101 -4.65 9.11 -5.98
CA PHE B 101 -5.18 7.75 -5.99
C PHE B 101 -6.68 7.61 -5.90
N GLY B 102 -7.36 8.76 -5.85
CA GLY B 102 -8.79 8.85 -5.94
C GLY B 102 -9.57 8.43 -4.73
N GLU B 103 -9.04 8.46 -3.51
CA GLU B 103 -9.90 8.11 -2.40
C GLU B 103 -10.87 9.23 -2.10
N SER B 104 -12.12 8.82 -1.97
CA SER B 104 -13.27 9.71 -1.80
C SER B 104 -13.50 10.02 -0.34
N ASP B 105 -14.41 10.93 0.02
CA ASP B 105 -14.74 11.21 1.42
C ASP B 105 -15.43 10.06 2.11
N GLU B 106 -16.35 9.41 1.37
CA GLU B 106 -17.04 8.22 1.85
C GLU B 106 -16.05 7.14 2.35
N LEU B 107 -15.09 6.89 1.50
CA LEU B 107 -14.06 5.87 1.77
C LEU B 107 -13.13 6.32 2.88
N ILE B 108 -12.63 7.59 2.93
CA ILE B 108 -11.77 8.03 4.05
C ILE B 108 -12.53 7.82 5.36
N GLY B 109 -13.80 8.19 5.26
CA GLY B 109 -14.76 8.11 6.35
C GLY B 109 -14.84 6.73 6.92
N GLN B 110 -14.97 5.67 6.08
CA GLN B 110 -15.11 4.36 6.68
C GLN B 110 -13.79 3.82 7.17
N LYS B 111 -12.72 4.27 6.52
CA LYS B 111 -11.38 3.95 7.03
C LYS B 111 -11.18 4.56 8.42
N VAL B 112 -11.61 5.81 8.68
CA VAL B 112 -11.45 6.49 9.99
C VAL B 112 -12.17 5.73 11.09
N ALA B 113 -13.46 5.40 10.83
CA ALA B 113 -14.29 4.63 11.72
C ALA B 113 -13.73 3.26 11.99
N HIS B 114 -13.31 2.50 10.96
CA HIS B 114 -12.71 1.21 11.22
C HIS B 114 -11.40 1.39 12.02
N ALA B 115 -10.48 2.33 11.66
CA ALA B 115 -9.21 2.48 12.40
C ALA B 115 -9.44 2.83 13.87
N LEU B 116 -10.39 3.70 14.17
CA LEU B 116 -10.66 4.06 15.54
C LEU B 116 -11.28 2.92 16.30
N ALA B 117 -12.20 2.14 15.69
CA ALA B 117 -12.84 1.03 16.39
C ALA B 117 -11.75 0.02 16.74
N GLU B 118 -10.75 -0.14 15.88
CA GLU B 118 -9.62 -1.01 16.16
C GLU B 118 -8.64 -0.49 17.19
N GLY B 119 -8.86 0.72 17.70
CA GLY B 119 -8.00 1.27 18.70
C GLY B 119 -6.79 2.03 18.19
N LEU B 120 -6.68 2.46 16.92
CA LEU B 120 -5.55 3.29 16.55
C LEU B 120 -5.95 4.76 16.74
N GLY B 121 -4.93 5.63 16.63
CA GLY B 121 -5.18 7.05 16.58
C GLY B 121 -5.22 7.39 15.13
N VAL B 122 -5.87 8.48 14.76
CA VAL B 122 -6.03 8.86 13.39
C VAL B 122 -5.57 10.31 13.26
N ILE B 123 -4.68 10.50 12.31
CA ILE B 123 -4.26 11.83 11.87
C ILE B 123 -5.12 11.95 10.60
N ALA B 124 -6.18 12.77 10.60
CA ALA B 124 -7.10 12.89 9.47
C ALA B 124 -6.81 14.18 8.73
N CYS B 125 -6.50 14.13 7.42
CA CYS B 125 -6.05 15.27 6.68
C CYS B 125 -7.11 15.89 5.82
N ILE B 126 -7.29 17.21 5.87
CA ILE B 126 -8.27 17.92 5.07
C ILE B 126 -7.52 18.99 4.28
N GLY B 127 -7.99 19.50 3.14
CA GLY B 127 -7.21 20.52 2.45
C GLY B 127 -7.90 20.96 1.17
N GLU B 128 -7.88 22.24 0.79
CA GLU B 128 -8.50 22.68 -0.46
C GLU B 128 -7.45 22.81 -1.56
N LYS B 129 -7.85 22.76 -2.82
CA LYS B 129 -6.89 22.85 -3.91
C LYS B 129 -6.76 24.32 -4.23
N LEU B 130 -5.80 24.66 -5.08
CA LEU B 130 -5.56 26.06 -5.35
C LEU B 130 -6.73 26.76 -6.02
N ASP B 131 -7.33 26.09 -7.01
CA ASP B 131 -8.49 26.58 -7.75
C ASP B 131 -9.68 26.85 -6.84
N GLU B 132 -9.81 26.09 -5.76
CA GLU B 132 -10.89 26.32 -4.82
C GLU B 132 -10.60 27.54 -3.95
N ARG B 133 -9.33 27.74 -3.56
CA ARG B 133 -8.94 28.92 -2.78
C ARG B 133 -9.08 30.19 -3.62
N GLU B 134 -8.57 30.20 -4.85
CA GLU B 134 -8.71 31.32 -5.76
C GLU B 134 -10.19 31.59 -6.07
N ALA B 135 -11.08 30.57 -6.08
CA ALA B 135 -12.52 30.74 -6.27
C ALA B 135 -13.25 31.13 -4.98
N GLY B 136 -12.48 31.17 -3.88
CA GLY B 136 -12.95 31.65 -2.60
C GLY B 136 -13.65 30.63 -1.71
N ILE B 137 -13.69 29.35 -2.10
CA ILE B 137 -14.50 28.40 -1.38
C ILE B 137 -13.80 27.46 -0.41
N THR B 138 -12.61 27.86 0.07
CA THR B 138 -11.82 27.15 1.06
C THR B 138 -12.60 26.66 2.27
N GLU B 139 -13.48 27.52 2.78
CA GLU B 139 -14.27 27.17 3.94
C GLU B 139 -15.30 26.11 3.60
N LYS B 140 -15.91 26.12 2.41
CA LYS B 140 -16.92 25.11 2.17
C LYS B 140 -16.27 23.74 2.03
N VAL B 141 -15.23 23.69 1.20
CA VAL B 141 -14.47 22.47 0.93
C VAL B 141 -13.97 21.82 2.21
N VAL B 142 -13.36 22.60 3.12
CA VAL B 142 -12.75 21.99 4.27
C VAL B 142 -13.81 21.66 5.30
N PHE B 143 -14.94 22.35 5.36
CA PHE B 143 -15.99 21.96 6.33
C PHE B 143 -16.64 20.65 5.85
N GLU B 144 -16.89 20.54 4.53
CA GLU B 144 -17.40 19.31 3.92
C GLU B 144 -16.50 18.12 4.25
N GLN B 145 -15.18 18.33 4.12
CA GLN B 145 -14.25 17.26 4.43
C GLN B 145 -14.18 16.91 5.92
N THR B 146 -14.28 17.87 6.87
CA THR B 146 -14.16 17.40 8.25
C THR B 146 -15.53 16.89 8.68
N LYS B 147 -16.64 17.23 8.02
CA LYS B 147 -17.96 16.65 8.31
C LYS B 147 -17.95 15.15 8.00
N ALA B 148 -17.39 14.82 6.83
CA ALA B 148 -17.26 13.44 6.37
C ALA B 148 -16.40 12.65 7.35
N ILE B 149 -15.42 13.29 8.01
CA ILE B 149 -14.63 12.63 9.03
C ILE B 149 -15.38 12.56 10.35
N ALA B 150 -15.88 13.69 10.88
CA ALA B 150 -16.53 13.81 12.18
C ALA B 150 -17.71 12.88 12.35
N ASP B 151 -18.40 12.70 11.23
CA ASP B 151 -19.55 11.77 11.17
C ASP B 151 -19.14 10.35 11.51
N ASN B 152 -17.89 10.01 11.25
CA ASN B 152 -17.34 8.70 11.59
C ASN B 152 -16.54 8.64 12.91
N VAL B 153 -16.57 9.74 13.68
CA VAL B 153 -15.79 9.82 14.90
C VAL B 153 -16.66 9.71 16.14
N LYS B 154 -16.38 8.68 16.95
CA LYS B 154 -17.11 8.51 18.21
C LYS B 154 -16.38 9.25 19.32
N ASP B 155 -15.16 8.78 19.58
CA ASP B 155 -14.29 9.36 20.58
C ASP B 155 -13.18 10.17 19.91
N TRP B 156 -13.31 11.49 20.05
CA TRP B 156 -12.30 12.42 19.56
C TRP B 156 -10.93 12.40 20.26
N SER B 157 -10.71 11.71 21.39
CA SER B 157 -9.40 11.74 22.04
C SER B 157 -8.23 11.14 21.27
N LYS B 158 -8.58 10.33 20.27
CA LYS B 158 -7.59 9.69 19.44
C LYS B 158 -7.46 10.24 18.01
N VAL B 159 -8.09 11.39 17.67
CA VAL B 159 -8.06 12.00 16.36
C VAL B 159 -7.26 13.31 16.44
N VAL B 160 -6.39 13.58 15.47
CA VAL B 160 -5.64 14.81 15.38
C VAL B 160 -6.08 15.31 13.99
N LEU B 161 -6.57 16.55 13.81
CA LEU B 161 -6.91 16.98 12.47
C LEU B 161 -5.70 17.64 11.80
N ALA B 162 -5.40 17.38 10.52
CA ALA B 162 -4.29 18.01 9.86
C ALA B 162 -4.69 18.84 8.67
N TYR B 163 -4.62 20.18 8.74
CA TYR B 163 -4.92 21.04 7.60
C TYR B 163 -3.72 21.09 6.65
N GLU B 164 -3.89 20.59 5.41
CA GLU B 164 -2.80 20.51 4.46
C GLU B 164 -3.35 20.98 3.13
N PRO B 165 -3.40 22.30 2.88
CA PRO B 165 -3.83 22.91 1.63
C PRO B 165 -2.98 22.30 0.52
N VAL B 166 -3.55 21.90 -0.62
CA VAL B 166 -2.80 21.11 -1.62
C VAL B 166 -1.71 21.91 -2.31
N TRP B 167 -1.93 23.22 -2.50
CA TRP B 167 -0.99 24.11 -3.19
C TRP B 167 0.32 24.31 -2.41
N ALA B 168 0.34 23.84 -1.15
CA ALA B 168 1.51 23.94 -0.30
C ALA B 168 2.24 22.63 -0.09
N ILE B 169 1.71 21.46 -0.56
CA ILE B 169 2.37 20.17 -0.37
C ILE B 169 3.42 19.94 -1.42
N GLY B 170 4.67 19.90 -0.92
CA GLY B 170 5.93 19.71 -1.60
C GLY B 170 6.42 20.82 -2.51
N THR B 171 5.63 21.91 -2.67
CA THR B 171 5.95 23.02 -3.59
C THR B 171 6.96 24.08 -3.19
N GLY B 172 7.00 24.31 -1.87
CA GLY B 172 7.84 25.32 -1.22
C GLY B 172 7.02 26.54 -0.82
N LYS B 173 5.77 26.57 -1.28
CA LYS B 173 4.90 27.68 -1.06
C LYS B 173 4.12 27.51 0.21
N THR B 174 4.77 27.74 1.36
CA THR B 174 4.08 27.60 2.63
C THR B 174 2.92 28.56 2.78
N ALA B 175 1.90 28.10 3.52
CA ALA B 175 0.82 28.93 4.00
C ALA B 175 1.53 30.01 4.85
N THR B 176 1.08 31.25 4.82
CA THR B 176 1.67 32.29 5.71
C THR B 176 1.17 31.97 7.11
N PRO B 177 1.69 32.44 8.28
CA PRO B 177 1.08 32.14 9.56
C PRO B 177 -0.35 32.68 9.69
N GLN B 178 -0.68 33.76 9.01
CA GLN B 178 -2.07 34.30 9.06
C GLN B 178 -3.12 33.45 8.28
N GLN B 179 -2.79 33.03 7.05
CA GLN B 179 -3.58 32.02 6.29
C GLN B 179 -3.78 30.74 7.10
N ALA B 180 -2.74 30.13 7.69
CA ALA B 180 -2.94 28.96 8.53
C ALA B 180 -3.85 29.18 9.74
N GLN B 181 -3.61 30.27 10.45
CA GLN B 181 -4.38 30.64 11.61
C GLN B 181 -5.86 30.78 11.34
N GLU B 182 -6.22 31.41 10.22
CA GLU B 182 -7.61 31.74 9.91
C GLU B 182 -8.43 30.48 9.71
N VAL B 183 -7.87 29.50 8.98
CA VAL B 183 -8.71 28.34 8.75
C VAL B 183 -8.59 27.52 10.00
N HIS B 184 -7.44 27.35 10.68
CA HIS B 184 -7.45 26.59 11.93
C HIS B 184 -8.44 27.13 12.98
N GLU B 185 -8.79 28.43 13.02
CA GLU B 185 -9.76 28.78 14.03
C GLU B 185 -11.16 28.63 13.49
N LYS B 186 -11.32 28.66 12.15
CA LYS B 186 -12.59 28.29 11.56
C LYS B 186 -12.89 26.81 11.82
N LEU B 187 -11.93 25.90 11.59
CA LEU B 187 -12.09 24.51 11.93
C LEU B 187 -12.42 24.32 13.39
N ARG B 188 -11.75 25.06 14.29
CA ARG B 188 -12.08 24.99 15.70
C ARG B 188 -13.49 25.47 15.99
N GLY B 189 -13.93 26.45 15.19
CA GLY B 189 -15.28 26.99 15.30
C GLY B 189 -16.30 25.92 14.93
N TRP B 190 -16.02 25.25 13.77
CA TRP B 190 -16.86 24.21 13.16
C TRP B 190 -17.07 23.17 14.21
N LEU B 191 -15.97 22.70 14.81
CA LEU B 191 -15.99 21.73 15.87
C LEU B 191 -16.76 22.15 17.12
N LYS B 192 -16.84 23.45 17.44
CA LYS B 192 -17.58 23.96 18.60
C LYS B 192 -19.06 24.03 18.28
N THR B 193 -19.42 24.40 17.06
CA THR B 193 -20.82 24.46 16.67
C THR B 193 -21.44 23.08 16.41
N HIS B 194 -20.62 22.21 15.81
CA HIS B 194 -21.11 20.93 15.38
C HIS B 194 -20.83 19.76 16.29
N VAL B 195 -19.82 19.77 17.18
CA VAL B 195 -19.59 18.60 18.03
C VAL B 195 -19.83 19.12 19.43
N SER B 196 -18.86 19.87 19.99
CA SER B 196 -18.98 20.49 21.30
C SER B 196 -17.75 21.37 21.59
N ASP B 197 -17.93 22.29 22.52
CA ASP B 197 -16.89 23.20 23.00
C ASP B 197 -15.69 22.44 23.54
N ALA B 198 -15.95 21.37 24.27
CA ALA B 198 -14.91 20.54 24.86
C ALA B 198 -14.06 19.76 23.89
N VAL B 199 -14.65 19.32 22.78
CA VAL B 199 -13.94 18.67 21.68
C VAL B 199 -13.14 19.76 20.97
N ALA B 200 -13.75 20.90 20.72
CA ALA B 200 -13.07 22.03 20.09
C ALA B 200 -11.82 22.52 20.83
N GLN B 201 -11.83 22.48 22.16
CA GLN B 201 -10.68 22.95 22.89
C GLN B 201 -9.57 21.97 23.10
N SER B 202 -9.77 20.67 22.96
CA SER B 202 -8.67 19.76 23.17
C SER B 202 -8.18 19.06 21.92
N THR B 203 -8.82 19.23 20.74
CA THR B 203 -8.38 18.49 19.56
C THR B 203 -7.25 19.29 18.91
N ARG B 204 -6.10 18.68 18.73
CA ARG B 204 -5.02 19.33 18.01
C ARG B 204 -5.35 19.40 16.51
N ILE B 205 -5.23 20.61 15.95
CA ILE B 205 -5.32 20.87 14.53
C ILE B 205 -3.91 21.31 14.12
N ILE B 206 -3.27 20.50 13.26
CA ILE B 206 -1.89 20.71 12.85
C ILE B 206 -1.80 21.13 11.40
N TYR B 207 -0.72 21.77 10.97
CA TYR B 207 -0.68 22.24 9.61
C TYR B 207 0.38 21.48 8.87
N GLY B 208 0.17 21.32 7.57
CA GLY B 208 1.17 20.65 6.79
C GLY B 208 1.22 21.31 5.41
N GLY B 209 2.39 21.21 4.82
CA GLY B 209 2.58 21.82 3.55
C GLY B 209 3.78 22.76 3.64
N SER B 210 4.94 22.20 3.32
CA SER B 210 6.21 22.89 3.18
C SER B 210 6.67 23.65 4.43
N VAL B 211 6.60 22.90 5.52
CA VAL B 211 7.10 23.34 6.81
C VAL B 211 8.57 22.95 6.87
N THR B 212 9.37 24.00 7.13
CA THR B 212 10.80 23.82 7.32
C THR B 212 11.31 24.33 8.66
N GLY B 213 12.55 23.96 8.99
CA GLY B 213 13.22 24.53 10.17
C GLY B 213 13.25 26.08 10.22
N GLY B 214 13.30 26.72 9.03
CA GLY B 214 13.45 28.17 8.88
C GLY B 214 12.14 28.94 8.95
N ASN B 215 11.01 28.25 8.78
CA ASN B 215 9.73 28.91 8.88
C ASN B 215 8.83 28.41 9.98
N CYS B 216 9.23 27.34 10.68
CA CYS B 216 8.33 26.70 11.63
C CYS B 216 8.01 27.56 12.84
N LYS B 217 9.02 28.24 13.38
CA LYS B 217 8.88 29.05 14.60
C LYS B 217 7.82 30.11 14.50
N GLU B 218 7.73 30.81 13.40
CA GLU B 218 6.60 31.75 13.21
C GLU B 218 5.21 31.13 13.04
N LEU B 219 5.14 29.90 12.49
CA LEU B 219 3.86 29.19 12.34
C LEU B 219 3.41 28.69 13.68
N ALA B 220 4.28 28.20 14.57
CA ALA B 220 3.88 27.69 15.85
C ALA B 220 3.50 28.70 16.89
N SER B 221 3.82 29.96 16.62
CA SER B 221 3.49 31.05 17.52
C SER B 221 2.00 31.40 17.37
N GLN B 222 1.38 31.01 16.23
CA GLN B 222 -0.03 31.27 16.01
C GLN B 222 -0.88 30.51 17.01
N HIS B 223 -1.97 31.10 17.46
CA HIS B 223 -2.70 30.48 18.59
C HIS B 223 -3.39 29.13 18.34
N ASP B 224 -3.87 28.92 17.13
CA ASP B 224 -4.66 27.72 16.85
C ASP B 224 -3.91 26.64 16.09
N VAL B 225 -2.59 26.87 15.95
CA VAL B 225 -1.74 25.90 15.25
C VAL B 225 -1.10 25.09 16.34
N ASP B 226 -1.49 23.83 16.36
CA ASP B 226 -1.06 22.88 17.36
C ASP B 226 0.07 21.99 16.97
N GLY B 227 0.67 22.30 15.84
CA GLY B 227 1.78 21.50 15.42
C GLY B 227 1.82 21.36 13.92
N PHE B 228 2.54 20.35 13.48
CA PHE B 228 2.85 20.11 12.07
C PHE B 228 2.80 18.65 11.62
N LEU B 229 2.64 18.52 10.30
CA LEU B 229 2.80 17.22 9.66
C LEU B 229 3.75 17.55 8.55
N VAL B 230 5.00 17.18 8.81
CA VAL B 230 6.11 17.53 7.96
C VAL B 230 6.47 16.48 6.92
N GLY B 231 6.53 16.88 5.68
CA GLY B 231 6.95 16.01 4.60
C GLY B 231 8.43 15.95 4.36
N GLY B 232 8.92 16.65 3.34
CA GLY B 232 10.32 16.56 2.91
C GLY B 232 11.36 16.86 3.98
N ALA B 233 11.03 17.81 4.88
CA ALA B 233 11.98 18.20 5.89
C ALA B 233 12.02 17.18 7.01
N SER B 234 11.10 16.20 7.09
CA SER B 234 11.20 15.20 8.14
C SER B 234 12.26 14.14 7.78
N LEU B 235 12.84 14.24 6.59
CA LEU B 235 13.94 13.34 6.16
C LEU B 235 15.31 13.90 6.47
N LYS B 236 15.30 15.08 7.08
CA LYS B 236 16.45 15.93 7.24
C LYS B 236 16.76 16.19 8.71
N PRO B 237 17.99 16.59 9.03
CA PRO B 237 18.38 17.00 10.39
C PRO B 237 17.54 18.11 10.99
N GLU B 238 17.02 19.05 10.19
CA GLU B 238 16.19 20.10 10.74
C GLU B 238 14.84 19.62 11.26
N PHE B 239 14.49 18.31 11.15
CA PHE B 239 13.23 17.84 11.70
C PHE B 239 13.31 18.03 13.20
N VAL B 240 14.49 17.83 13.87
CA VAL B 240 14.66 18.08 15.30
C VAL B 240 14.30 19.52 15.63
N ASP B 241 14.63 20.49 14.77
CA ASP B 241 14.31 21.90 15.05
C ASP B 241 12.84 22.15 14.92
N ILE B 242 12.14 21.38 14.06
CA ILE B 242 10.72 21.63 13.91
C ILE B 242 9.99 21.10 15.13
N ILE B 243 10.50 19.94 15.64
CA ILE B 243 9.97 19.35 16.84
C ILE B 243 10.06 20.30 18.03
N ASN B 244 11.16 21.07 17.97
CA ASN B 244 11.50 22.03 18.99
C ASN B 244 11.08 23.47 18.65
N ALA B 245 10.12 23.65 17.71
CA ALA B 245 9.66 24.96 17.24
C ALA B 245 9.16 25.90 18.34
N LYS B 246 8.46 25.45 19.40
CA LYS B 246 8.05 26.32 20.50
C LYS B 246 9.15 26.71 21.50
N HIS B 247 10.38 26.23 21.34
CA HIS B 247 11.46 26.45 22.31
C HIS B 247 12.67 27.10 21.63
C1 PGH C . -5.82 -14.90 -6.67
C2 PGH C . -6.48 -16.24 -6.36
N2 PGH C . -4.53 -15.01 -6.88
O2 PGH C . -3.78 -13.88 -7.18
O1 PGH C . -6.47 -13.87 -6.79
O1P PGH C . -7.42 -16.18 -5.30
O2P PGH C . -8.80 -17.36 -3.58
O3P PGH C . -7.21 -18.65 -4.99
O4P PGH C . -9.35 -17.69 -6.00
P PGH C . -8.25 -17.53 -5.00
C1 PGH D . 2.80 16.55 3.74
C2 PGH D . 3.69 17.81 3.71
N2 PGH D . 2.79 15.82 4.86
O2 PGH D . 1.54 15.27 5.19
O1 PGH D . 2.14 16.23 2.76
O1P PGH D . 4.78 17.59 2.81
O2P PGH D . 6.93 18.21 1.83
O3P PGH D . 6.28 19.11 4.03
O4P PGH D . 5.13 19.90 1.97
P PGH D . 5.78 18.75 2.62
#